data_3QW8
#
_entry.id   3QW8
#
_cell.length_a   50.668
_cell.length_b   66.278
_cell.length_c   64.768
_cell.angle_alpha   90.00
_cell.angle_beta   98.42
_cell.angle_gamma   90.00
#
_symmetry.space_group_name_H-M   'P 1 21 1'
#
loop_
_entity.id
_entity.type
_entity.pdbx_description
1 polymer 'Botulinum neurotoxin type A'
2 polymer 'inhibitory peptide CRGC'
3 non-polymer 'ZINC ION'
4 non-polymer 'SULFATE ION'
5 non-polymer 'SODIUM ION'
6 non-polymer 1,2-ETHANEDIOL
7 water water
#
loop_
_entity_poly.entity_id
_entity_poly.type
_entity_poly.pdbx_seq_one_letter_code
_entity_poly.pdbx_strand_id
1 'polypeptide(L)'
;MPFVNKQFNYKDPVNGVDIAYIKIPNAGQMQPVKAFKIHNKIWVIPERDTFTNPEEGDLNPPPEAKQVPVSYYDSTYLST
DNEKDNYLKGVTKLFERIYSTDLGRMLLTSIVRGIPFWGGSTIDTELKVIDTNCINVIQPDGSYRSEELNLVIIGPSADI
IQFECKSFGHEVLNLTRNGYGSTQYIRFSPDFTFGFEESLEVDTNPLLGAGKFATDPAVTLAHELIHAGHRLYGIAINPN
RVFKVNTNAYYEMSGLEVSFEELRTFGGHDAKFIDSLQENEFRLYYYNKFKDIASTLNKAKSIVGTTASLQYMKNVFKEK
YLLSEDTSGKFSVDKLKFDKLYKMLTEIYTEDNFVKFFKVLNRKTYLNFDKAVFKINIVPKVNYTIYDGFNLRNTNLAAN
FNGQNTEINNMNFTKLKNFTGLFEHHHHHH
;
A
2 'polypeptide(L)' CRGC(NH2) B
#
loop_
_chem_comp.id
_chem_comp.type
_chem_comp.name
_chem_comp.formula
EDO non-polymer 1,2-ETHANEDIOL 'C2 H6 O2'
NA non-polymer 'SODIUM ION' 'Na 1'
NH2 non-polymer 'AMINO GROUP' 'H2 N'
SO4 non-polymer 'SULFATE ION' 'O4 S -2'
ZN non-polymer 'ZINC ION' 'Zn 2'
#
# COMPACT_ATOMS: atom_id res chain seq x y z
N PRO A 2 10.64 -5.30 17.60
CA PRO A 2 9.40 -4.83 16.94
C PRO A 2 9.72 -3.92 15.75
N PHE A 3 8.80 -3.85 14.80
CA PHE A 3 8.97 -3.01 13.62
C PHE A 3 8.86 -1.55 14.01
N VAL A 4 7.96 -1.26 14.94
CA VAL A 4 7.74 0.10 15.42
C VAL A 4 8.24 0.10 16.87
N ASN A 5 9.43 0.67 17.07
CA ASN A 5 10.05 0.71 18.39
C ASN A 5 9.34 1.53 19.46
N LYS A 6 8.54 2.52 19.05
CA LYS A 6 7.84 3.33 20.04
C LYS A 6 6.33 3.25 19.93
N GLN A 7 5.67 3.16 21.08
CA GLN A 7 4.22 3.09 21.16
C GLN A 7 3.67 4.51 21.20
N PHE A 8 3.63 5.15 20.04
CA PHE A 8 3.14 6.52 19.93
C PHE A 8 1.71 6.72 20.39
N ASN A 9 1.46 7.88 20.99
CA ASN A 9 0.13 8.30 21.42
C ASN A 9 -0.07 9.54 20.56
N TYR A 10 -1.24 9.70 19.96
CA TYR A 10 -1.47 10.85 19.11
C TYR A 10 -1.13 12.17 19.80
N LYS A 11 -1.43 12.27 21.09
CA LYS A 11 -1.18 13.49 21.82
C LYS A 11 0.25 13.73 22.29
N ASP A 12 1.17 12.83 21.95
CA ASP A 12 2.56 13.01 22.36
C ASP A 12 3.06 14.31 21.75
N PRO A 13 3.81 15.12 22.53
CA PRO A 13 4.33 16.39 22.01
C PRO A 13 5.25 16.22 20.82
N VAL A 14 5.14 17.11 19.85
CA VAL A 14 5.99 17.05 18.68
C VAL A 14 7.44 17.26 19.11
N ASN A 15 8.36 16.66 18.38
CA ASN A 15 9.77 16.80 18.69
C ASN A 15 10.55 17.21 17.45
N GLY A 16 9.85 17.32 16.33
CA GLY A 16 10.48 17.73 15.09
C GLY A 16 11.34 16.66 14.46
N VAL A 17 11.31 15.44 15.01
CA VAL A 17 12.09 14.34 14.46
C VAL A 17 11.19 13.21 13.98
N ASP A 18 10.58 12.48 14.91
CA ASP A 18 9.68 11.41 14.53
C ASP A 18 8.23 11.70 14.88
N ILE A 19 8.00 12.86 15.51
CA ILE A 19 6.64 13.33 15.81
C ILE A 19 6.73 14.79 15.41
N ALA A 20 6.07 15.14 14.30
CA ALA A 20 6.16 16.50 13.82
C ALA A 20 5.04 16.93 12.91
N TYR A 21 4.92 18.24 12.73
CA TYR A 21 3.94 18.80 11.82
C TYR A 21 4.65 18.85 10.49
N ILE A 22 4.00 18.37 9.43
CA ILE A 22 4.63 18.34 8.12
C ILE A 22 3.72 18.79 7.00
N LYS A 23 4.32 18.94 5.82
CA LYS A 23 3.59 19.33 4.62
C LYS A 23 4.07 18.40 3.50
N ILE A 24 3.16 18.02 2.61
CA ILE A 24 3.53 17.15 1.51
C ILE A 24 3.61 17.94 0.22
N PRO A 25 4.47 17.53 -0.72
CA PRO A 25 4.65 18.19 -2.00
C PRO A 25 3.50 17.98 -2.97
N ASN A 26 2.32 18.46 -2.61
CA ASN A 26 1.14 18.32 -3.46
C ASN A 26 1.07 19.47 -4.46
N ALA A 27 2.13 20.25 -4.52
CA ALA A 27 2.20 21.40 -5.43
C ALA A 27 1.09 22.39 -5.12
N GLY A 28 0.56 22.31 -3.90
CA GLY A 28 -0.50 23.20 -3.49
C GLY A 28 -0.25 23.72 -2.09
N GLN A 29 -1.20 24.49 -1.55
CA GLN A 29 -1.06 25.03 -0.21
C GLN A 29 -1.86 24.20 0.78
N MET A 30 -1.31 23.99 1.96
CA MET A 30 -1.99 23.20 2.99
C MET A 30 -1.44 23.59 4.35
N GLN A 31 -2.28 23.43 5.38
CA GLN A 31 -1.84 23.71 6.73
C GLN A 31 -1.07 22.47 7.15
N PRO A 32 -0.01 22.63 7.96
CA PRO A 32 0.74 21.45 8.37
C PRO A 32 -0.11 20.44 9.15
N VAL A 33 0.21 19.16 8.99
CA VAL A 33 -0.53 18.12 9.69
C VAL A 33 0.43 17.32 10.57
N LYS A 34 -0.06 16.83 11.71
CA LYS A 34 0.77 16.07 12.62
C LYS A 34 1.00 14.66 12.08
N ALA A 35 2.27 14.30 11.94
CA ALA A 35 2.65 12.99 11.43
C ALA A 35 3.60 12.27 12.38
N PHE A 36 3.66 10.95 12.24
CA PHE A 36 4.50 10.11 13.08
C PHE A 36 5.38 9.20 12.25
N LYS A 37 6.68 9.22 12.50
CA LYS A 37 7.60 8.35 11.78
C LYS A 37 7.71 7.06 12.58
N ILE A 38 7.09 6.00 12.09
CA ILE A 38 7.10 4.73 12.82
C ILE A 38 8.27 3.80 12.52
N HIS A 39 9.01 4.10 11.47
CA HIS A 39 10.17 3.27 11.09
C HIS A 39 10.97 4.04 10.06
N ASN A 40 12.24 3.70 9.90
CA ASN A 40 13.06 4.38 8.90
C ASN A 40 12.28 4.41 7.58
N LYS A 41 12.17 5.58 6.97
CA LYS A 41 11.49 5.76 5.68
C LYS A 41 9.96 5.59 5.66
N ILE A 42 9.35 5.37 6.82
CA ILE A 42 7.89 5.16 6.86
C ILE A 42 7.17 6.06 7.85
N TRP A 43 6.20 6.83 7.35
CA TRP A 43 5.42 7.75 8.19
C TRP A 43 3.93 7.45 8.17
N VAL A 44 3.23 7.89 9.22
CA VAL A 44 1.79 7.72 9.33
C VAL A 44 1.17 9.09 9.62
N ILE A 45 0.16 9.45 8.83
CA ILE A 45 -0.54 10.71 9.01
C ILE A 45 -2.00 10.37 9.35
N PRO A 46 -2.37 10.51 10.63
CA PRO A 46 -3.76 10.19 11.03
C PRO A 46 -4.76 11.26 10.59
N GLU A 47 -4.86 11.49 9.29
CA GLU A 47 -5.80 12.48 8.75
C GLU A 47 -6.49 11.91 7.51
N ARG A 48 -7.68 12.41 7.22
CA ARG A 48 -8.39 11.98 6.02
C ARG A 48 -7.55 12.60 4.91
N ASP A 49 -7.37 11.88 3.81
CA ASP A 49 -6.54 12.41 2.72
C ASP A 49 -7.22 13.42 1.81
N THR A 50 -7.04 14.69 2.12
CA THR A 50 -7.59 15.77 1.31
C THR A 50 -6.39 16.53 0.76
N PHE A 51 -5.23 15.86 0.76
CA PHE A 51 -3.99 16.49 0.31
C PHE A 51 -3.34 16.00 -0.99
N THR A 52 -3.25 14.68 -1.18
CA THR A 52 -2.61 14.16 -2.39
C THR A 52 -3.34 14.56 -3.67
N ASN A 53 -4.63 14.80 -3.57
CA ASN A 53 -5.41 15.20 -4.74
C ASN A 53 -6.25 16.43 -4.40
N PRO A 54 -5.78 17.62 -4.82
CA PRO A 54 -6.45 18.91 -4.58
C PRO A 54 -7.94 18.93 -4.96
N GLU A 55 -8.35 18.01 -5.81
CA GLU A 55 -9.75 17.95 -6.24
C GLU A 55 -10.56 17.00 -5.37
N GLU A 56 -9.92 16.39 -4.38
CA GLU A 56 -10.59 15.47 -3.49
C GLU A 56 -10.45 15.92 -2.05
N GLY A 57 -10.69 17.20 -1.82
CA GLY A 57 -10.60 17.76 -0.48
C GLY A 57 -11.99 18.00 0.11
N ASP A 58 -12.97 17.25 -0.41
CA ASP A 58 -14.35 17.36 0.05
C ASP A 58 -14.80 16.02 0.61
N LEU A 59 -14.89 15.94 1.94
CA LEU A 59 -15.29 14.70 2.60
C LEU A 59 -16.81 14.45 2.57
N ASN A 60 -17.57 15.49 2.22
CA ASN A 60 -19.00 15.36 2.18
C ASN A 60 -19.51 14.58 0.98
N PRO A 61 -20.35 13.56 1.25
CA PRO A 61 -20.99 12.66 0.29
C PRO A 61 -21.86 13.33 -0.76
N PRO A 62 -21.61 13.04 -2.05
CA PRO A 62 -22.40 13.64 -3.11
C PRO A 62 -23.88 13.33 -2.89
N PRO A 63 -24.76 13.82 -3.77
CA PRO A 63 -26.19 13.54 -3.59
C PRO A 63 -26.52 12.06 -3.39
N GLU A 64 -27.43 11.77 -2.47
CA GLU A 64 -27.84 10.41 -2.16
C GLU A 64 -28.27 9.67 -3.43
N ALA A 65 -28.93 10.38 -4.33
CA ALA A 65 -29.39 9.78 -5.58
C ALA A 65 -28.22 9.51 -6.53
N LYS A 66 -27.01 9.61 -6.00
CA LYS A 66 -25.81 9.39 -6.80
C LYS A 66 -24.66 8.85 -5.94
N GLN A 67 -24.65 7.53 -5.73
CA GLN A 67 -23.61 6.91 -4.94
C GLN A 67 -23.17 5.56 -5.53
N VAL A 68 -21.86 5.32 -5.51
CA VAL A 68 -21.29 4.09 -6.04
C VAL A 68 -21.75 2.88 -5.22
N PRO A 69 -22.15 1.79 -5.90
CA PRO A 69 -22.61 0.57 -5.23
C PRO A 69 -21.72 0.21 -4.04
N VAL A 70 -20.41 0.12 -4.30
CA VAL A 70 -19.46 -0.21 -3.25
C VAL A 70 -18.73 1.05 -2.81
N SER A 71 -19.35 1.77 -1.86
CA SER A 71 -18.76 3.00 -1.33
C SER A 71 -19.40 3.30 0.01
N TYR A 72 -18.68 4.02 0.86
CA TYR A 72 -19.19 4.38 2.17
C TYR A 72 -18.64 5.74 2.57
N TYR A 73 -19.55 6.64 2.94
CA TYR A 73 -19.19 7.99 3.32
C TYR A 73 -19.54 8.32 4.77
N ASP A 74 -18.65 9.08 5.40
CA ASP A 74 -18.84 9.57 6.77
C ASP A 74 -17.82 10.69 6.94
N SER A 75 -18.26 11.91 6.66
CA SER A 75 -17.39 13.08 6.73
C SER A 75 -16.77 13.31 8.11
N THR A 76 -17.35 12.72 9.15
CA THR A 76 -16.85 12.91 10.51
C THR A 76 -15.78 11.90 10.93
N TYR A 77 -15.63 10.81 10.20
CA TYR A 77 -14.64 9.82 10.57
C TYR A 77 -13.23 10.37 10.60
N LEU A 78 -12.50 10.07 11.67
CA LEU A 78 -11.12 10.48 11.84
C LEU A 78 -10.95 11.99 11.96
N SER A 79 -11.86 12.62 12.71
CA SER A 79 -11.81 14.06 12.91
C SER A 79 -11.48 14.43 14.34
N THR A 80 -11.50 13.45 15.24
CA THR A 80 -11.22 13.72 16.65
C THR A 80 -9.88 13.13 17.08
N ASP A 81 -9.32 13.67 18.15
CA ASP A 81 -8.04 13.18 18.65
C ASP A 81 -8.08 11.72 19.07
N ASN A 82 -9.17 11.28 19.70
CA ASN A 82 -9.27 9.88 20.14
C ASN A 82 -9.26 8.96 18.91
N GLU A 83 -9.97 9.35 17.86
CA GLU A 83 -9.99 8.54 16.65
C GLU A 83 -8.60 8.46 16.04
N LYS A 84 -7.89 9.58 16.03
CA LYS A 84 -6.55 9.62 15.46
C LYS A 84 -5.60 8.78 16.29
N ASP A 85 -5.80 8.79 17.61
CA ASP A 85 -4.96 7.98 18.49
C ASP A 85 -5.21 6.51 18.18
N ASN A 86 -6.47 6.15 18.00
CA ASN A 86 -6.82 4.78 17.71
C ASN A 86 -6.34 4.37 16.32
N TYR A 87 -6.39 5.30 15.38
CA TYR A 87 -5.95 5.04 14.01
C TYR A 87 -4.45 4.72 14.03
N LEU A 88 -3.69 5.55 14.73
CA LEU A 88 -2.24 5.37 14.84
C LEU A 88 -1.89 4.00 15.44
N LYS A 89 -2.54 3.65 16.55
CA LYS A 89 -2.30 2.38 17.22
C LYS A 89 -2.74 1.18 16.37
N GLY A 90 -3.85 1.37 15.65
CA GLY A 90 -4.34 0.31 14.78
C GLY A 90 -3.38 0.04 13.64
N VAL A 91 -2.91 1.10 12.99
CA VAL A 91 -1.97 0.94 11.87
C VAL A 91 -0.68 0.32 12.37
N THR A 92 -0.22 0.76 13.54
CA THR A 92 1.00 0.22 14.14
C THR A 92 0.86 -1.28 14.40
N LYS A 93 -0.26 -1.69 14.97
CA LYS A 93 -0.48 -3.10 15.27
C LYS A 93 -0.47 -3.93 13.99
N LEU A 94 -1.03 -3.38 12.92
CA LEU A 94 -1.06 -4.11 11.65
C LEU A 94 0.35 -4.25 11.07
N PHE A 95 1.18 -3.23 11.23
CA PHE A 95 2.55 -3.34 10.72
C PHE A 95 3.26 -4.44 11.50
N GLU A 96 3.01 -4.52 12.81
CA GLU A 96 3.65 -5.55 13.63
C GLU A 96 3.18 -6.94 13.24
N ARG A 97 1.87 -7.09 13.00
CA ARG A 97 1.31 -8.38 12.61
C ARG A 97 1.95 -8.82 11.30
N ILE A 98 2.08 -7.89 10.37
CA ILE A 98 2.71 -8.19 9.09
C ILE A 98 4.19 -8.54 9.29
N TYR A 99 4.88 -7.73 10.07
CA TYR A 99 6.31 -7.96 10.32
C TYR A 99 6.61 -9.26 11.06
N SER A 100 5.63 -9.74 11.83
CA SER A 100 5.78 -10.98 12.61
C SER A 100 5.83 -12.24 11.75
N THR A 101 5.57 -12.10 10.45
CA THR A 101 5.62 -13.24 9.54
C THR A 101 6.87 -13.11 8.67
N ASP A 102 7.46 -14.22 8.25
CA ASP A 102 8.65 -14.11 7.42
C ASP A 102 8.37 -13.32 6.14
N LEU A 103 7.23 -13.61 5.51
CA LEU A 103 6.86 -12.92 4.27
C LEU A 103 6.73 -11.41 4.49
N GLY A 104 6.08 -11.02 5.58
CA GLY A 104 5.91 -9.60 5.89
C GLY A 104 7.25 -8.92 6.14
N ARG A 105 8.14 -9.60 6.86
CA ARG A 105 9.46 -9.06 7.13
C ARG A 105 10.20 -8.86 5.80
N MET A 106 10.05 -9.82 4.89
CA MET A 106 10.70 -9.72 3.60
C MET A 106 10.15 -8.52 2.81
N LEU A 107 8.83 -8.40 2.77
CA LEU A 107 8.18 -7.31 2.07
C LEU A 107 8.57 -5.94 2.64
N LEU A 108 8.48 -5.81 3.96
CA LEU A 108 8.80 -4.55 4.60
C LEU A 108 10.27 -4.18 4.40
N THR A 109 11.15 -5.19 4.38
CA THR A 109 12.57 -4.92 4.16
C THR A 109 12.74 -4.41 2.71
N SER A 110 12.06 -5.04 1.76
CA SER A 110 12.16 -4.59 0.37
C SER A 110 11.64 -3.16 0.24
N ILE A 111 10.58 -2.84 0.97
CA ILE A 111 10.01 -1.50 0.91
C ILE A 111 10.98 -0.46 1.48
N VAL A 112 11.60 -0.75 2.63
CA VAL A 112 12.55 0.18 3.23
C VAL A 112 13.76 0.39 2.32
N ARG A 113 14.19 -0.67 1.65
CA ARG A 113 15.33 -0.57 0.74
C ARG A 113 14.95 0.07 -0.60
N GLY A 114 13.66 0.15 -0.88
CA GLY A 114 13.20 0.71 -2.14
C GLY A 114 13.15 2.21 -2.31
N ILE A 115 14.21 2.89 -1.91
CA ILE A 115 14.29 4.34 -2.01
C ILE A 115 14.05 4.83 -3.44
N PRO A 116 13.15 5.81 -3.63
CA PRO A 116 12.88 6.34 -4.98
C PRO A 116 14.18 6.81 -5.61
N PHE A 117 14.38 6.48 -6.88
CA PHE A 117 15.61 6.84 -7.58
C PHE A 117 15.86 8.33 -7.71
N TRP A 118 17.12 8.72 -7.56
CA TRP A 118 17.55 10.10 -7.68
C TRP A 118 17.69 10.46 -9.15
N GLY A 119 16.57 10.64 -9.85
CA GLY A 119 16.63 10.98 -11.25
C GLY A 119 16.02 12.33 -11.56
N GLY A 120 16.19 13.28 -10.65
CA GLY A 120 15.63 14.61 -10.85
C GLY A 120 16.55 15.65 -11.44
N SER A 121 17.74 15.24 -11.88
CA SER A 121 18.69 16.17 -12.46
C SER A 121 18.51 16.26 -13.98
N THR A 122 18.85 17.43 -14.54
CA THR A 122 18.73 17.64 -15.97
C THR A 122 20.05 17.32 -16.67
N ILE A 123 21.16 17.45 -15.95
CA ILE A 123 22.47 17.16 -16.49
C ILE A 123 22.81 15.71 -16.14
N ASP A 124 22.99 14.88 -17.17
CA ASP A 124 23.28 13.46 -16.96
C ASP A 124 24.60 13.13 -16.28
N THR A 125 25.26 14.12 -15.70
CA THR A 125 26.53 13.89 -15.02
C THR A 125 26.39 14.12 -13.52
N GLU A 126 25.22 14.59 -13.10
CA GLU A 126 24.97 14.84 -11.69
C GLU A 126 23.78 14.03 -11.20
N LEU A 127 23.89 13.53 -9.96
CA LEU A 127 22.82 12.73 -9.37
C LEU A 127 22.01 13.62 -8.43
N LYS A 128 20.72 13.76 -8.70
CA LYS A 128 19.86 14.59 -7.87
C LYS A 128 18.53 13.95 -7.52
N VAL A 129 18.07 14.19 -6.30
CA VAL A 129 16.81 13.65 -5.81
C VAL A 129 15.63 14.34 -6.46
N ILE A 130 14.48 13.67 -6.46
CA ILE A 130 13.25 14.23 -7.01
C ILE A 130 12.47 14.72 -5.79
N ASP A 131 12.26 16.03 -5.70
CA ASP A 131 11.60 16.64 -4.55
C ASP A 131 10.22 16.13 -4.11
N THR A 132 9.49 15.48 -5.01
CA THR A 132 8.16 14.97 -4.64
C THR A 132 8.25 13.65 -3.87
N ASN A 133 9.47 13.15 -3.69
CA ASN A 133 9.67 11.92 -2.95
C ASN A 133 10.14 12.29 -1.55
N CYS A 134 9.76 13.49 -1.12
CA CYS A 134 10.13 13.99 0.20
C CYS A 134 8.93 14.67 0.85
N ILE A 135 9.07 15.00 2.12
CA ILE A 135 8.05 15.72 2.85
C ILE A 135 8.80 16.82 3.58
N ASN A 136 8.11 17.91 3.91
CA ASN A 136 8.74 19.01 4.63
C ASN A 136 8.40 18.89 6.10
N VAL A 137 9.43 18.70 6.92
CA VAL A 137 9.25 18.55 8.35
C VAL A 137 9.58 19.84 9.11
N ILE A 138 8.65 20.30 9.94
CA ILE A 138 8.89 21.51 10.73
C ILE A 138 9.80 21.12 11.89
N GLN A 139 10.97 21.75 11.93
CA GLN A 139 11.95 21.48 12.98
C GLN A 139 11.62 22.26 14.24
N PRO A 140 12.31 21.95 15.35
CA PRO A 140 12.06 22.63 16.62
C PRO A 140 12.14 24.15 16.53
N ASP A 141 13.00 24.66 15.64
CA ASP A 141 13.17 26.10 15.48
C ASP A 141 12.13 26.72 14.55
N GLY A 142 11.18 25.92 14.10
CA GLY A 142 10.13 26.42 13.22
C GLY A 142 10.44 26.40 11.74
N SER A 143 11.68 26.05 11.40
CA SER A 143 12.08 25.98 10.00
C SER A 143 11.71 24.62 9.41
N TYR A 144 11.63 24.57 8.09
CA TYR A 144 11.30 23.33 7.39
C TYR A 144 12.57 22.64 6.91
N ARG A 145 12.58 21.31 6.96
CA ARG A 145 13.72 20.54 6.48
C ARG A 145 13.14 19.41 5.63
N SER A 146 13.78 19.17 4.50
CA SER A 146 13.32 18.14 3.58
C SER A 146 13.82 16.75 3.98
N GLU A 147 12.90 15.80 4.09
CA GLU A 147 13.25 14.43 4.44
C GLU A 147 12.71 13.48 3.38
N GLU A 148 13.58 12.62 2.87
CA GLU A 148 13.17 11.64 1.87
C GLU A 148 12.47 10.54 2.62
N LEU A 149 11.43 9.97 2.02
CA LEU A 149 10.70 8.87 2.63
C LEU A 149 10.18 7.96 1.52
N ASN A 150 9.84 6.74 1.88
CA ASN A 150 9.35 5.78 0.89
C ASN A 150 7.86 5.54 0.99
N LEU A 151 7.34 5.56 2.22
CA LEU A 151 5.93 5.25 2.47
C LEU A 151 5.24 6.12 3.49
N VAL A 152 3.98 6.43 3.21
CA VAL A 152 3.13 7.20 4.10
C VAL A 152 1.79 6.50 4.17
N ILE A 153 1.29 6.25 5.38
CA ILE A 153 -0.03 5.64 5.52
C ILE A 153 -0.89 6.81 5.95
N ILE A 154 -1.94 7.08 5.18
CA ILE A 154 -2.83 8.21 5.48
C ILE A 154 -4.28 7.74 5.45
N GLY A 155 -5.16 8.49 6.11
CA GLY A 155 -6.56 8.12 6.14
C GLY A 155 -7.20 8.21 4.77
N PRO A 156 -8.32 7.52 4.56
CA PRO A 156 -8.99 7.58 3.25
C PRO A 156 -9.55 8.96 2.95
N SER A 157 -9.91 9.17 1.70
CA SER A 157 -10.48 10.43 1.26
C SER A 157 -11.99 10.35 1.50
N ALA A 158 -12.80 11.01 0.66
CA ALA A 158 -14.25 11.00 0.84
C ALA A 158 -14.84 9.59 0.96
N ASP A 159 -14.53 8.73 -0.02
CA ASP A 159 -15.02 7.36 0.03
C ASP A 159 -14.09 6.58 0.97
N ILE A 160 -14.58 6.35 2.18
CA ILE A 160 -13.81 5.66 3.22
C ILE A 160 -13.25 4.29 2.86
N ILE A 161 -13.99 3.52 2.08
CA ILE A 161 -13.54 2.17 1.73
C ILE A 161 -12.69 2.08 0.46
N GLN A 162 -12.39 3.22 -0.15
CA GLN A 162 -11.57 3.19 -1.35
C GLN A 162 -10.10 3.28 -0.98
N PHE A 163 -9.54 2.18 -0.51
CA PHE A 163 -8.12 2.15 -0.14
C PHE A 163 -7.32 2.11 -1.43
N GLU A 164 -6.15 2.73 -1.43
CA GLU A 164 -5.37 2.75 -2.67
C GLU A 164 -4.03 3.43 -2.49
N CYS A 165 -3.09 3.11 -3.38
CA CYS A 165 -1.77 3.72 -3.38
C CYS A 165 -1.80 4.95 -4.28
N LYS A 166 -1.39 6.09 -3.74
CA LYS A 166 -1.35 7.33 -4.48
C LYS A 166 0.08 7.84 -4.41
N SER A 167 0.54 8.47 -5.48
CA SER A 167 1.89 9.03 -5.49
C SER A 167 1.97 10.18 -6.48
N PHE A 168 2.88 11.10 -6.23
CA PHE A 168 3.02 12.25 -7.09
C PHE A 168 3.77 11.90 -8.36
N GLY A 169 3.20 12.29 -9.49
CA GLY A 169 3.81 11.99 -10.77
C GLY A 169 4.87 12.99 -11.15
N HIS A 170 5.48 12.79 -12.32
CA HIS A 170 6.51 13.67 -12.80
C HIS A 170 6.09 14.22 -14.17
N GLU A 171 6.56 15.41 -14.49
CA GLU A 171 6.22 16.06 -15.74
C GLU A 171 6.47 15.21 -16.97
N VAL A 172 7.51 14.39 -16.93
CA VAL A 172 7.83 13.53 -18.08
C VAL A 172 8.00 12.06 -17.72
N LEU A 173 8.54 11.78 -16.55
CA LEU A 173 8.79 10.41 -16.12
C LEU A 173 7.59 9.70 -15.49
N ASN A 174 7.41 8.43 -15.83
CA ASN A 174 6.34 7.62 -15.26
C ASN A 174 7.07 6.86 -14.14
N LEU A 175 7.26 7.55 -13.02
CA LEU A 175 7.98 7.01 -11.88
C LEU A 175 7.60 5.62 -11.38
N THR A 176 6.33 5.26 -11.46
CA THR A 176 5.92 3.94 -10.98
C THR A 176 6.08 2.85 -12.03
N ARG A 177 6.46 3.23 -13.24
CA ARG A 177 6.60 2.26 -14.32
C ARG A 177 7.91 2.34 -15.11
N ASN A 178 8.86 3.17 -14.66
CA ASN A 178 10.13 3.30 -15.37
C ASN A 178 11.32 2.83 -14.51
N GLY A 179 11.01 2.04 -13.49
CA GLY A 179 12.05 1.53 -12.61
C GLY A 179 12.52 2.47 -11.51
N TYR A 180 12.20 3.75 -11.64
CA TYR A 180 12.60 4.75 -10.66
C TYR A 180 11.95 4.63 -9.29
N GLY A 181 10.62 4.59 -9.29
CA GLY A 181 9.90 4.50 -8.04
C GLY A 181 9.60 5.88 -7.50
N SER A 182 8.63 5.96 -6.59
CA SER A 182 8.25 7.23 -6.00
C SER A 182 7.63 6.99 -4.64
N THR A 183 7.61 8.03 -3.81
CA THR A 183 7.04 7.92 -2.48
C THR A 183 5.58 7.54 -2.59
N GLN A 184 5.19 6.49 -1.88
CA GLN A 184 3.82 6.01 -1.91
C GLN A 184 2.98 6.42 -0.71
N TYR A 185 1.78 6.91 -1.00
CA TYR A 185 0.82 7.32 0.02
C TYR A 185 -0.31 6.30 -0.04
N ILE A 186 -0.48 5.53 1.03
CA ILE A 186 -1.54 4.54 1.04
C ILE A 186 -2.75 5.03 1.82
N ARG A 187 -3.87 5.22 1.11
CA ARG A 187 -5.10 5.62 1.77
C ARG A 187 -5.56 4.31 2.39
N PHE A 188 -5.72 4.30 3.69
CA PHE A 188 -6.09 3.08 4.40
C PHE A 188 -6.69 3.36 5.76
N SER A 189 -7.53 2.45 6.24
CA SER A 189 -8.11 2.60 7.56
C SER A 189 -8.19 1.24 8.26
N PRO A 190 -7.72 1.18 9.51
CA PRO A 190 -7.75 -0.07 10.29
C PRO A 190 -9.06 -0.15 11.07
N ASP A 191 -9.93 0.85 10.87
CA ASP A 191 -11.19 0.93 11.61
C ASP A 191 -12.41 0.33 10.94
N PHE A 192 -12.24 -0.20 9.74
CA PHE A 192 -13.31 -0.80 8.98
C PHE A 192 -12.75 -2.04 8.29
N THR A 193 -13.62 -2.97 7.93
CA THR A 193 -13.19 -4.11 7.17
C THR A 193 -14.36 -4.59 6.32
N PHE A 194 -14.12 -5.57 5.46
CA PHE A 194 -15.15 -6.03 4.55
C PHE A 194 -15.59 -7.47 4.76
N GLY A 195 -16.86 -7.72 4.49
CA GLY A 195 -17.40 -9.05 4.65
C GLY A 195 -17.39 -9.82 3.35
N PHE A 196 -17.06 -11.10 3.43
CA PHE A 196 -17.04 -11.94 2.24
C PHE A 196 -17.72 -13.24 2.60
N GLU A 197 -17.92 -14.11 1.62
CA GLU A 197 -18.60 -15.37 1.86
C GLU A 197 -17.70 -16.60 1.72
N GLU A 198 -17.92 -17.56 2.60
CA GLU A 198 -17.14 -18.79 2.64
C GLU A 198 -17.28 -19.69 1.41
N SER A 199 -18.44 -19.66 0.75
CA SER A 199 -18.65 -20.48 -0.44
C SER A 199 -18.25 -19.68 -1.68
N LEU A 200 -17.40 -20.26 -2.52
CA LEU A 200 -16.94 -19.57 -3.72
C LEU A 200 -18.07 -19.16 -4.65
N GLU A 201 -19.05 -20.05 -4.84
CA GLU A 201 -20.19 -19.75 -5.71
C GLU A 201 -21.05 -18.60 -5.18
N VAL A 202 -21.01 -18.37 -3.87
CA VAL A 202 -21.77 -17.28 -3.27
C VAL A 202 -20.93 -16.00 -3.30
N ASP A 203 -19.66 -16.13 -2.93
CA ASP A 203 -18.79 -14.96 -2.88
C ASP A 203 -18.63 -14.27 -4.24
N THR A 204 -18.65 -15.06 -5.31
CA THR A 204 -18.48 -14.51 -6.65
C THR A 204 -19.80 -14.15 -7.33
N ASN A 205 -20.89 -14.16 -6.55
CA ASN A 205 -22.21 -13.83 -7.06
C ASN A 205 -22.65 -12.51 -6.43
N PRO A 206 -23.04 -11.53 -7.26
CA PRO A 206 -23.47 -10.21 -6.77
C PRO A 206 -24.83 -10.16 -6.09
N LEU A 207 -25.58 -11.26 -6.16
CA LEU A 207 -26.91 -11.30 -5.58
C LEU A 207 -27.02 -12.12 -4.30
N LEU A 208 -25.93 -12.78 -3.90
CA LEU A 208 -25.97 -13.64 -2.72
C LEU A 208 -24.98 -13.33 -1.60
N GLY A 209 -25.39 -13.66 -0.37
CA GLY A 209 -24.53 -13.46 0.78
C GLY A 209 -24.64 -12.13 1.48
N ALA A 210 -24.52 -12.15 2.81
CA ALA A 210 -24.60 -10.94 3.62
C ALA A 210 -23.23 -10.52 4.15
N GLY A 211 -22.24 -11.37 3.96
CA GLY A 211 -20.90 -11.07 4.44
C GLY A 211 -20.64 -11.69 5.80
N LYS A 212 -20.76 -13.01 5.86
CA LYS A 212 -20.58 -13.73 7.12
C LYS A 212 -19.18 -13.59 7.71
N PHE A 213 -18.15 -13.71 6.88
CA PHE A 213 -16.79 -13.59 7.37
C PHE A 213 -16.17 -12.24 7.11
N ALA A 214 -15.35 -11.77 8.04
CA ALA A 214 -14.69 -10.48 7.92
C ALA A 214 -13.25 -10.63 7.47
N THR A 215 -12.86 -9.79 6.52
CA THR A 215 -11.49 -9.80 6.02
C THR A 215 -10.58 -9.30 7.13
N ASP A 216 -9.45 -9.98 7.33
CA ASP A 216 -8.50 -9.53 8.35
C ASP A 216 -7.84 -8.28 7.76
N PRO A 217 -7.94 -7.13 8.46
CA PRO A 217 -7.33 -5.91 7.93
C PRO A 217 -5.82 -5.97 7.65
N ALA A 218 -5.12 -6.96 8.23
CA ALA A 218 -3.69 -7.09 7.98
C ALA A 218 -3.48 -7.52 6.52
N VAL A 219 -4.41 -8.31 5.99
CA VAL A 219 -4.33 -8.75 4.61
C VAL A 219 -4.59 -7.55 3.69
N THR A 220 -5.59 -6.75 4.04
CA THR A 220 -5.93 -5.57 3.25
C THR A 220 -4.74 -4.60 3.18
N LEU A 221 -4.07 -4.36 4.30
CA LEU A 221 -2.92 -3.48 4.31
C LEU A 221 -1.78 -4.10 3.50
N ALA A 222 -1.56 -5.39 3.69
CA ALA A 222 -0.50 -6.10 2.97
C ALA A 222 -0.73 -5.96 1.47
N HIS A 223 -1.98 -6.06 1.06
CA HIS A 223 -2.34 -5.92 -0.35
C HIS A 223 -1.84 -4.57 -0.86
N GLU A 224 -2.12 -3.50 -0.12
CA GLU A 224 -1.68 -2.17 -0.52
C GLU A 224 -0.15 -2.04 -0.46
N LEU A 225 0.47 -2.70 0.51
CA LEU A 225 1.94 -2.65 0.61
C LEU A 225 2.59 -3.35 -0.58
N ILE A 226 1.90 -4.36 -1.12
CA ILE A 226 2.42 -5.09 -2.28
C ILE A 226 2.40 -4.14 -3.47
N HIS A 227 1.31 -3.39 -3.62
CA HIS A 227 1.23 -2.42 -4.70
C HIS A 227 2.36 -1.42 -4.48
N ALA A 228 2.53 -0.97 -3.23
CA ALA A 228 3.58 0.00 -2.92
C ALA A 228 4.94 -0.51 -3.32
N GLY A 229 5.18 -1.80 -3.07
CA GLY A 229 6.44 -2.41 -3.44
C GLY A 229 6.67 -2.31 -4.94
N HIS A 230 5.63 -2.62 -5.72
CA HIS A 230 5.75 -2.54 -7.17
C HIS A 230 6.07 -1.11 -7.60
N ARG A 231 5.34 -0.17 -7.03
CA ARG A 231 5.51 1.24 -7.37
C ARG A 231 6.85 1.82 -6.93
N LEU A 232 7.34 1.39 -5.77
CA LEU A 232 8.63 1.88 -5.27
C LEU A 232 9.81 1.39 -6.11
N TYR A 233 9.63 0.25 -6.78
CA TYR A 233 10.66 -0.31 -7.63
C TYR A 233 10.34 0.01 -9.09
N GLY A 234 9.32 0.83 -9.29
CA GLY A 234 8.91 1.27 -10.61
C GLY A 234 8.55 0.19 -11.61
N ILE A 235 7.93 -0.88 -11.13
CA ILE A 235 7.54 -1.97 -12.02
C ILE A 235 6.04 -2.25 -11.98
N ALA A 236 5.25 -1.23 -11.63
CA ALA A 236 3.80 -1.40 -11.58
C ALA A 236 3.32 -1.56 -13.02
N ILE A 237 2.28 -2.36 -13.22
CA ILE A 237 1.77 -2.56 -14.57
C ILE A 237 0.77 -1.46 -14.91
N ASN A 238 0.94 -0.86 -16.08
CA ASN A 238 0.05 0.22 -16.51
C ASN A 238 -1.39 -0.25 -16.37
N PRO A 239 -2.23 0.54 -15.68
CA PRO A 239 -3.64 0.19 -15.50
C PRO A 239 -4.42 0.03 -16.80
N ASN A 240 -3.84 0.47 -17.91
CA ASN A 240 -4.51 0.34 -19.19
C ASN A 240 -4.48 -1.12 -19.65
N ARG A 241 -3.58 -1.90 -19.06
CA ARG A 241 -3.48 -3.30 -19.39
C ARG A 241 -4.42 -4.05 -18.45
N VAL A 242 -5.53 -4.54 -19.00
CA VAL A 242 -6.52 -5.22 -18.20
C VAL A 242 -6.93 -6.59 -18.73
N PHE A 243 -7.59 -7.35 -17.85
CA PHE A 243 -8.09 -8.67 -18.19
C PHE A 243 -9.59 -8.49 -18.43
N LYS A 244 -10.05 -8.79 -19.63
CA LYS A 244 -11.47 -8.68 -19.94
C LYS A 244 -12.08 -9.94 -19.34
N VAL A 245 -12.48 -9.84 -18.07
CA VAL A 245 -13.04 -10.97 -17.34
C VAL A 245 -14.02 -11.81 -18.15
N ASN A 246 -13.69 -13.09 -18.32
CA ASN A 246 -14.51 -14.01 -19.07
C ASN A 246 -14.69 -15.30 -18.27
N THR A 247 -14.49 -15.22 -16.96
CA THR A 247 -14.60 -16.37 -16.09
C THR A 247 -15.71 -16.17 -15.06
N ASN A 248 -16.44 -15.08 -15.20
CA ASN A 248 -17.54 -14.76 -14.31
C ASN A 248 -18.62 -14.08 -15.12
N ALA A 249 -19.74 -14.77 -15.29
CA ALA A 249 -20.86 -14.27 -16.07
C ALA A 249 -21.36 -12.89 -15.66
N TYR A 250 -21.26 -12.56 -14.38
CA TYR A 250 -21.73 -11.27 -13.90
C TYR A 250 -20.76 -10.15 -14.28
N TYR A 251 -19.47 -10.44 -14.22
CA TYR A 251 -18.47 -9.46 -14.62
C TYR A 251 -18.68 -9.24 -16.13
N GLU A 252 -18.76 -10.35 -16.84
CA GLU A 252 -18.95 -10.35 -18.29
C GLU A 252 -20.15 -9.55 -18.78
N MET A 253 -21.34 -9.87 -18.29
CA MET A 253 -22.55 -9.18 -18.72
C MET A 253 -22.50 -7.66 -18.49
N SER A 254 -21.44 -7.19 -17.86
CA SER A 254 -21.28 -5.76 -17.62
C SER A 254 -19.96 -5.24 -18.18
N GLY A 255 -19.29 -6.12 -18.93
CA GLY A 255 -18.02 -5.75 -19.54
C GLY A 255 -16.97 -5.25 -18.57
N LEU A 256 -17.05 -5.71 -17.32
CA LEU A 256 -16.09 -5.29 -16.31
C LEU A 256 -14.69 -5.81 -16.62
N GLU A 257 -13.71 -4.93 -16.47
CA GLU A 257 -12.32 -5.31 -16.75
C GLU A 257 -11.52 -5.10 -15.47
N VAL A 258 -10.52 -5.95 -15.25
CA VAL A 258 -9.68 -5.85 -14.07
C VAL A 258 -8.22 -5.72 -14.49
N SER A 259 -7.53 -4.70 -13.98
CA SER A 259 -6.14 -4.48 -14.34
C SER A 259 -5.24 -5.65 -13.99
N PHE A 260 -4.21 -5.88 -14.82
CA PHE A 260 -3.27 -6.95 -14.57
C PHE A 260 -2.54 -6.70 -13.25
N GLU A 261 -2.35 -5.44 -12.91
CA GLU A 261 -1.66 -5.06 -11.67
C GLU A 261 -2.39 -5.63 -10.45
N GLU A 262 -3.72 -5.65 -10.48
CA GLU A 262 -4.50 -6.19 -9.36
C GLU A 262 -4.44 -7.71 -9.32
N LEU A 263 -4.48 -8.33 -10.51
CA LEU A 263 -4.43 -9.78 -10.58
C LEU A 263 -3.08 -10.26 -10.09
N ARG A 264 -2.03 -9.53 -10.45
CA ARG A 264 -0.67 -9.86 -10.04
C ARG A 264 -0.57 -9.75 -8.52
N THR A 265 -1.12 -8.66 -7.98
CA THR A 265 -1.07 -8.40 -6.55
C THR A 265 -1.82 -9.45 -5.75
N PHE A 266 -2.98 -9.89 -6.25
CA PHE A 266 -3.70 -10.93 -5.51
C PHE A 266 -2.90 -12.23 -5.54
N GLY A 267 -2.40 -12.60 -6.72
CA GLY A 267 -1.63 -13.82 -6.86
C GLY A 267 -2.49 -15.04 -7.05
N GLY A 268 -2.02 -16.19 -6.56
CA GLY A 268 -2.76 -17.43 -6.69
C GLY A 268 -3.16 -17.72 -8.12
N HIS A 269 -4.38 -18.19 -8.33
CA HIS A 269 -4.81 -18.50 -9.69
C HIS A 269 -5.11 -17.24 -10.50
N ASP A 270 -5.41 -16.14 -9.83
CA ASP A 270 -5.69 -14.89 -10.53
C ASP A 270 -4.55 -14.43 -11.42
N ALA A 271 -3.32 -14.64 -10.95
CA ALA A 271 -2.14 -14.22 -11.69
C ALA A 271 -2.00 -14.94 -13.03
N LYS A 272 -2.67 -16.09 -13.16
CA LYS A 272 -2.61 -16.87 -14.38
C LYS A 272 -3.44 -16.28 -15.52
N PHE A 273 -4.28 -15.30 -15.23
CA PHE A 273 -5.09 -14.68 -16.27
C PHE A 273 -4.23 -13.73 -17.11
N ILE A 274 -2.98 -13.56 -16.70
CA ILE A 274 -2.04 -12.72 -17.43
C ILE A 274 -1.21 -13.69 -18.27
N ASP A 275 -1.54 -13.80 -19.56
CA ASP A 275 -0.83 -14.72 -20.45
C ASP A 275 0.68 -14.55 -20.51
N SER A 276 1.35 -15.64 -20.87
CA SER A 276 2.81 -15.68 -20.96
C SER A 276 3.42 -14.59 -21.84
N LEU A 277 2.85 -14.35 -23.01
CA LEU A 277 3.36 -13.33 -23.93
C LEU A 277 3.47 -11.96 -23.27
N GLN A 278 2.35 -11.47 -22.73
CA GLN A 278 2.33 -10.17 -22.07
C GLN A 278 3.24 -10.14 -20.86
N GLU A 279 3.28 -11.26 -20.13
CA GLU A 279 4.11 -11.37 -18.94
C GLU A 279 5.57 -11.16 -19.30
N ASN A 280 5.99 -11.75 -20.43
CA ASN A 280 7.37 -11.61 -20.88
C ASN A 280 7.64 -10.20 -21.38
N GLU A 281 6.64 -9.61 -22.03
CA GLU A 281 6.78 -8.25 -22.53
C GLU A 281 7.10 -7.31 -21.39
N PHE A 282 6.35 -7.42 -20.30
CA PHE A 282 6.57 -6.58 -19.13
C PHE A 282 7.95 -6.82 -18.54
N ARG A 283 8.29 -8.08 -18.32
CA ARG A 283 9.60 -8.42 -17.75
C ARG A 283 10.73 -7.79 -18.54
N LEU A 284 10.66 -7.88 -19.87
CA LEU A 284 11.68 -7.29 -20.73
C LEU A 284 11.69 -5.78 -20.60
N TYR A 285 10.50 -5.19 -20.59
CA TYR A 285 10.36 -3.73 -20.48
C TYR A 285 11.05 -3.22 -19.21
N TYR A 286 10.71 -3.80 -18.08
CA TYR A 286 11.31 -3.37 -16.82
C TYR A 286 12.79 -3.71 -16.74
N TYR A 287 13.21 -4.78 -17.42
CA TYR A 287 14.61 -5.15 -17.44
C TYR A 287 15.38 -4.01 -18.11
N ASN A 288 14.83 -3.48 -19.21
CA ASN A 288 15.47 -2.39 -19.92
C ASN A 288 15.49 -1.13 -19.07
N LYS A 289 14.43 -0.91 -18.30
CA LYS A 289 14.34 0.26 -17.43
C LYS A 289 15.45 0.21 -16.38
N PHE A 290 15.69 -0.98 -15.83
CA PHE A 290 16.74 -1.16 -14.83
C PHE A 290 18.10 -0.88 -15.49
N LYS A 291 18.20 -1.23 -16.77
CA LYS A 291 19.44 -0.99 -17.50
C LYS A 291 19.69 0.51 -17.60
N ASP A 292 18.64 1.26 -17.89
CA ASP A 292 18.74 2.72 -17.99
C ASP A 292 19.23 3.29 -16.68
N ILE A 293 18.74 2.74 -15.58
CA ILE A 293 19.14 3.20 -14.25
C ILE A 293 20.62 2.93 -14.02
N ALA A 294 21.07 1.73 -14.36
CA ALA A 294 22.47 1.36 -14.20
C ALA A 294 23.33 2.31 -15.02
N SER A 295 22.83 2.65 -16.20
CA SER A 295 23.53 3.55 -17.11
C SER A 295 23.63 4.96 -16.53
N THR A 296 22.49 5.50 -16.07
CA THR A 296 22.46 6.83 -15.50
C THR A 296 23.44 6.94 -14.33
N LEU A 297 23.58 5.85 -13.57
CA LEU A 297 24.49 5.85 -12.43
C LEU A 297 25.95 5.86 -12.89
N ASN A 298 26.22 5.24 -14.03
CA ASN A 298 27.58 5.20 -14.55
C ASN A 298 28.00 6.59 -15.03
N LYS A 299 27.06 7.36 -15.53
CA LYS A 299 27.34 8.72 -16.02
C LYS A 299 27.55 9.71 -14.88
N ALA A 300 26.79 9.54 -13.80
CA ALA A 300 26.89 10.44 -12.65
C ALA A 300 28.31 10.56 -12.12
N LYS A 301 28.83 11.79 -12.12
CA LYS A 301 30.18 12.04 -11.63
C LYS A 301 30.16 13.07 -10.49
N SER A 302 28.96 13.51 -10.14
CA SER A 302 28.78 14.50 -9.07
C SER A 302 27.40 14.36 -8.43
N ILE A 303 27.35 14.58 -7.12
CA ILE A 303 26.09 14.47 -6.38
C ILE A 303 25.62 15.85 -5.92
N VAL A 304 24.31 16.03 -5.88
CA VAL A 304 23.73 17.30 -5.45
C VAL A 304 23.27 17.18 -4.00
N GLY A 305 23.49 18.24 -3.22
CA GLY A 305 23.09 18.22 -1.83
C GLY A 305 24.22 17.87 -0.88
N THR A 306 23.94 17.89 0.41
CA THR A 306 24.94 17.56 1.43
C THR A 306 24.49 16.37 2.28
N THR A 307 23.24 15.95 2.08
CA THR A 307 22.66 14.83 2.82
C THR A 307 23.55 13.59 2.86
N ALA A 308 24.01 13.13 1.70
CA ALA A 308 24.87 11.96 1.63
C ALA A 308 25.91 12.09 0.52
N SER A 309 26.86 11.16 0.49
CA SER A 309 27.91 11.18 -0.53
C SER A 309 27.47 10.43 -1.78
N LEU A 310 28.10 10.77 -2.91
CA LEU A 310 27.79 10.12 -4.18
C LEU A 310 28.04 8.62 -4.00
N GLN A 311 29.12 8.30 -3.30
CA GLN A 311 29.47 6.91 -3.02
C GLN A 311 28.33 6.21 -2.30
N TYR A 312 27.82 6.85 -1.26
CA TYR A 312 26.72 6.28 -0.49
C TYR A 312 25.48 6.04 -1.33
N MET A 313 25.05 7.07 -2.06
CA MET A 313 23.86 6.95 -2.90
C MET A 313 24.02 5.93 -4.02
N LYS A 314 25.19 5.90 -4.65
CA LYS A 314 25.40 4.91 -5.70
C LYS A 314 25.29 3.52 -5.12
N ASN A 315 25.71 3.35 -3.87
CA ASN A 315 25.63 2.05 -3.25
C ASN A 315 24.19 1.78 -2.84
N VAL A 316 23.48 2.83 -2.43
CA VAL A 316 22.10 2.68 -2.01
C VAL A 316 21.27 2.05 -3.12
N PHE A 317 21.51 2.48 -4.34
CA PHE A 317 20.77 1.98 -5.50
C PHE A 317 21.37 0.69 -6.04
N LYS A 318 22.63 0.43 -5.72
CA LYS A 318 23.25 -0.81 -6.16
C LYS A 318 22.54 -1.91 -5.41
N GLU A 319 22.25 -1.65 -4.13
CA GLU A 319 21.58 -2.62 -3.28
C GLU A 319 20.08 -2.71 -3.58
N LYS A 320 19.44 -1.58 -3.86
CA LYS A 320 18.02 -1.59 -4.15
C LYS A 320 17.73 -2.46 -5.36
N TYR A 321 18.43 -2.18 -6.44
CA TYR A 321 18.25 -2.91 -7.69
C TYR A 321 19.14 -4.14 -7.85
N LEU A 322 19.94 -4.42 -6.84
CA LEU A 322 20.85 -5.58 -6.88
C LEU A 322 21.71 -5.58 -8.14
N LEU A 323 22.32 -4.44 -8.45
CA LEU A 323 23.16 -4.33 -9.64
C LEU A 323 24.53 -4.97 -9.42
N SER A 324 25.22 -5.22 -10.52
CA SER A 324 26.56 -5.81 -10.48
C SER A 324 27.57 -4.72 -10.77
N GLU A 325 28.81 -4.92 -10.32
CA GLU A 325 29.87 -3.96 -10.54
C GLU A 325 31.15 -4.66 -11.00
N ASP A 326 31.74 -4.16 -12.09
CA ASP A 326 32.96 -4.76 -12.61
C ASP A 326 34.22 -4.03 -12.16
N THR A 327 35.36 -4.46 -12.69
CA THR A 327 36.66 -3.89 -12.34
C THR A 327 36.69 -2.36 -12.25
N SER A 328 36.17 -1.69 -13.28
CA SER A 328 36.14 -0.23 -13.31
C SER A 328 35.18 0.38 -12.31
N GLY A 329 34.12 -0.35 -11.99
CA GLY A 329 33.13 0.16 -11.05
C GLY A 329 31.86 0.53 -11.80
N LYS A 330 31.75 0.06 -13.03
CA LYS A 330 30.60 0.33 -13.87
C LYS A 330 29.48 -0.63 -13.49
N PHE A 331 28.31 -0.10 -13.18
CA PHE A 331 27.17 -0.92 -12.80
C PHE A 331 26.51 -1.51 -14.03
N SER A 332 25.90 -2.68 -13.86
CA SER A 332 25.20 -3.36 -14.93
C SER A 332 24.13 -4.22 -14.29
N VAL A 333 23.11 -4.57 -15.07
CA VAL A 333 22.04 -5.41 -14.56
C VAL A 333 22.29 -6.85 -14.98
N ASP A 334 22.28 -7.76 -14.01
CA ASP A 334 22.48 -9.18 -14.27
C ASP A 334 21.10 -9.81 -14.41
N LYS A 335 20.90 -10.57 -15.49
CA LYS A 335 19.62 -11.20 -15.74
C LYS A 335 19.10 -12.03 -14.57
N LEU A 336 19.96 -12.88 -14.02
CA LEU A 336 19.57 -13.74 -12.90
C LEU A 336 19.08 -12.95 -11.69
N LYS A 337 19.85 -11.94 -11.32
CA LYS A 337 19.49 -11.12 -10.17
C LYS A 337 18.24 -10.29 -10.44
N PHE A 338 18.08 -9.83 -11.69
CA PHE A 338 16.89 -9.07 -12.02
C PHE A 338 15.66 -9.96 -11.93
N ASP A 339 15.72 -11.13 -12.56
CA ASP A 339 14.58 -12.05 -12.53
C ASP A 339 14.23 -12.42 -11.09
N LYS A 340 15.25 -12.62 -10.25
CA LYS A 340 15.02 -12.99 -8.85
C LYS A 340 14.30 -11.88 -8.08
N LEU A 341 14.75 -10.64 -8.24
CA LEU A 341 14.13 -9.50 -7.57
C LEU A 341 12.73 -9.25 -8.12
N TYR A 342 12.62 -9.24 -9.45
CA TYR A 342 11.34 -9.01 -10.11
C TYR A 342 10.32 -10.05 -9.63
N LYS A 343 10.74 -11.31 -9.61
CA LYS A 343 9.90 -12.41 -9.18
C LYS A 343 9.51 -12.27 -7.71
N MET A 344 10.47 -11.84 -6.88
CA MET A 344 10.20 -11.65 -5.45
C MET A 344 9.07 -10.63 -5.26
N LEU A 345 9.24 -9.47 -5.89
CA LEU A 345 8.27 -8.38 -5.79
C LEU A 345 6.90 -8.65 -6.41
N THR A 346 6.87 -9.50 -7.43
CA THR A 346 5.61 -9.78 -8.13
C THR A 346 4.94 -11.11 -7.88
N GLU A 347 5.71 -12.13 -7.48
CA GLU A 347 5.16 -13.46 -7.25
C GLU A 347 5.25 -13.95 -5.81
N ILE A 348 6.26 -13.51 -5.08
CA ILE A 348 6.38 -13.95 -3.70
C ILE A 348 5.49 -13.07 -2.83
N TYR A 349 5.53 -11.78 -3.07
CA TYR A 349 4.69 -10.87 -2.28
C TYR A 349 3.31 -10.74 -2.95
N THR A 350 2.38 -11.58 -2.50
CA THR A 350 1.02 -11.55 -3.05
C THR A 350 0.03 -11.71 -1.90
N GLU A 351 -1.19 -11.22 -2.11
CA GLU A 351 -2.23 -11.33 -1.10
C GLU A 351 -2.45 -12.80 -0.76
N ASP A 352 -2.52 -13.66 -1.78
CA ASP A 352 -2.76 -15.07 -1.53
C ASP A 352 -1.70 -15.67 -0.62
N ASN A 353 -0.43 -15.30 -0.81
CA ASN A 353 0.60 -15.83 0.06
C ASN A 353 0.49 -15.31 1.49
N PHE A 354 0.09 -14.05 1.68
CA PHE A 354 -0.05 -13.53 3.02
C PHE A 354 -1.14 -14.27 3.79
N VAL A 355 -2.19 -14.67 3.07
CA VAL A 355 -3.29 -15.40 3.69
C VAL A 355 -2.71 -16.70 4.28
N LYS A 356 -1.82 -17.34 3.53
CA LYS A 356 -1.20 -18.57 4.00
C LYS A 356 -0.43 -18.34 5.29
N PHE A 357 0.31 -17.23 5.35
CA PHE A 357 1.10 -16.93 6.53
C PHE A 357 0.27 -16.53 7.75
N PHE A 358 -0.80 -15.77 7.53
CA PHE A 358 -1.65 -15.34 8.65
C PHE A 358 -2.60 -16.46 9.09
N LYS A 359 -2.79 -17.46 8.23
CA LYS A 359 -3.69 -18.58 8.51
C LYS A 359 -5.10 -18.04 8.78
N VAL A 360 -5.57 -17.18 7.87
CA VAL A 360 -6.90 -16.60 8.00
C VAL A 360 -7.76 -16.99 6.80
N LEU A 361 -9.07 -16.78 6.92
CA LEU A 361 -9.99 -17.05 5.82
C LEU A 361 -9.98 -15.73 5.04
N ASN A 362 -10.07 -15.81 3.71
CA ASN A 362 -10.01 -14.60 2.90
C ASN A 362 -10.68 -14.90 1.56
N ARG A 363 -10.99 -13.87 0.78
CA ARG A 363 -11.59 -14.10 -0.53
C ARG A 363 -10.59 -15.01 -1.25
N LYS A 364 -11.11 -15.95 -2.04
CA LYS A 364 -10.26 -16.89 -2.78
C LYS A 364 -9.79 -16.32 -4.11
N THR A 365 -10.42 -15.23 -4.53
CA THR A 365 -10.08 -14.58 -5.79
C THR A 365 -10.44 -13.11 -5.71
N TYR A 366 -9.78 -12.30 -6.53
CA TYR A 366 -10.03 -10.86 -6.59
C TYR A 366 -11.32 -10.65 -7.37
N LEU A 367 -11.65 -11.63 -8.20
CA LEU A 367 -12.84 -11.55 -9.05
C LEU A 367 -14.11 -11.99 -8.33
N ASN A 368 -14.50 -11.22 -7.32
CA ASN A 368 -15.69 -11.52 -6.54
C ASN A 368 -16.54 -10.26 -6.38
N PHE A 369 -17.46 -10.30 -5.42
CA PHE A 369 -18.32 -9.16 -5.14
C PHE A 369 -18.40 -8.94 -3.63
N ASP A 370 -18.03 -7.74 -3.19
CA ASP A 370 -18.09 -7.41 -1.78
C ASP A 370 -19.52 -7.58 -1.28
N LYS A 371 -19.66 -7.91 0.00
CA LYS A 371 -20.98 -8.12 0.58
C LYS A 371 -21.37 -7.02 1.56
N ALA A 372 -20.38 -6.51 2.30
CA ALA A 372 -20.66 -5.50 3.29
C ALA A 372 -19.41 -4.86 3.87
N VAL A 373 -19.62 -3.76 4.59
CA VAL A 373 -18.53 -3.06 5.27
C VAL A 373 -18.92 -3.02 6.74
N PHE A 374 -17.94 -3.32 7.59
CA PHE A 374 -18.11 -3.36 9.05
C PHE A 374 -17.21 -2.36 9.75
N LYS A 375 -17.67 -1.88 10.90
CA LYS A 375 -16.86 -0.99 11.73
C LYS A 375 -16.21 -1.97 12.70
N ILE A 376 -14.93 -1.79 12.98
CA ILE A 376 -14.23 -2.68 13.90
C ILE A 376 -13.30 -1.87 14.80
N ASN A 377 -12.73 -2.52 15.81
CA ASN A 377 -11.77 -1.89 16.70
C ASN A 377 -10.73 -2.93 17.06
N ILE A 378 -9.61 -2.90 16.35
CA ILE A 378 -8.55 -3.89 16.58
C ILE A 378 -7.54 -3.49 17.65
N VAL A 379 -7.67 -2.28 18.20
CA VAL A 379 -6.71 -1.82 19.19
C VAL A 379 -6.66 -2.64 20.50
N PRO A 380 -7.82 -2.94 21.11
CA PRO A 380 -7.82 -3.72 22.35
C PRO A 380 -7.34 -5.16 22.12
N LYS A 381 -6.41 -5.63 22.95
CA LYS A 381 -5.90 -7.00 22.78
C LYS A 381 -6.99 -8.05 22.94
N VAL A 382 -8.09 -7.69 23.60
CA VAL A 382 -9.18 -8.63 23.78
C VAL A 382 -9.98 -8.79 22.50
N ASN A 383 -9.71 -7.92 21.54
CA ASN A 383 -10.40 -7.96 20.24
C ASN A 383 -9.54 -8.50 19.10
N TYR A 384 -8.27 -8.11 19.09
CA TYR A 384 -7.39 -8.49 17.99
C TYR A 384 -5.94 -8.45 18.48
N THR A 385 -5.12 -9.37 18.03
CA THR A 385 -3.71 -9.40 18.43
C THR A 385 -2.78 -9.49 17.25
N ILE A 386 -1.53 -9.12 17.47
CA ILE A 386 -0.50 -9.16 16.45
C ILE A 386 -0.33 -10.58 15.93
N TYR A 387 -0.41 -11.55 16.84
CA TYR A 387 -0.19 -12.93 16.48
C TYR A 387 -1.37 -13.71 15.90
N ASP A 388 -2.57 -13.43 16.38
CA ASP A 388 -3.74 -14.17 15.89
C ASP A 388 -4.83 -13.38 15.20
N GLY A 389 -4.65 -12.08 15.06
CA GLY A 389 -5.70 -11.29 14.43
C GLY A 389 -6.94 -11.45 15.29
N PHE A 390 -8.09 -11.71 14.67
CA PHE A 390 -9.35 -11.89 15.41
C PHE A 390 -9.48 -13.28 16.04
N ASN A 391 -8.79 -14.27 15.48
CA ASN A 391 -8.89 -15.65 15.96
C ASN A 391 -7.98 -15.93 17.16
N LEU A 392 -8.33 -15.32 18.28
CA LEU A 392 -7.58 -15.43 19.52
C LEU A 392 -7.37 -16.85 20.05
N ARG A 393 -6.12 -17.20 20.24
CA ARG A 393 -5.76 -18.53 20.74
C ARG A 393 -6.32 -18.76 22.15
N ASN A 394 -6.60 -20.02 22.45
CA ASN A 394 -7.13 -20.42 23.75
C ASN A 394 -8.44 -19.75 24.11
N THR A 395 -9.29 -19.53 23.11
CA THR A 395 -10.60 -18.95 23.31
C THR A 395 -11.51 -19.64 22.31
N ASN A 396 -12.81 -19.33 22.36
CA ASN A 396 -13.77 -19.92 21.45
C ASN A 396 -13.59 -19.40 20.03
N LEU A 397 -12.74 -18.39 19.86
CA LEU A 397 -12.49 -17.80 18.55
C LEU A 397 -11.24 -18.34 17.87
N ALA A 398 -10.50 -19.19 18.56
CA ALA A 398 -9.26 -19.74 18.02
C ALA A 398 -9.40 -20.65 16.79
N ALA A 399 -10.40 -21.53 16.81
CA ALA A 399 -10.57 -22.47 15.71
C ALA A 399 -11.59 -22.09 14.66
N ASN A 400 -11.45 -22.72 13.50
CA ASN A 400 -12.36 -22.54 12.38
C ASN A 400 -12.60 -21.07 12.01
N PHE A 401 -11.60 -20.23 12.22
CA PHE A 401 -11.71 -18.80 11.91
C PHE A 401 -12.92 -18.17 12.61
N ASN A 402 -13.27 -18.70 13.78
CA ASN A 402 -14.40 -18.18 14.55
C ASN A 402 -14.29 -16.69 14.85
N GLY A 403 -13.05 -16.20 14.96
CA GLY A 403 -12.85 -14.78 15.24
C GLY A 403 -13.26 -13.91 14.07
N GLN A 404 -13.16 -14.43 12.86
CA GLN A 404 -13.53 -13.69 11.66
C GLN A 404 -15.01 -13.90 11.32
N ASN A 405 -15.64 -14.86 11.99
CA ASN A 405 -17.04 -15.19 11.77
C ASN A 405 -17.82 -14.08 12.48
N THR A 406 -18.44 -13.17 11.71
CA THR A 406 -19.17 -12.05 12.30
C THR A 406 -20.42 -12.45 13.06
N GLU A 407 -20.89 -13.68 12.86
CA GLU A 407 -22.07 -14.13 13.55
C GLU A 407 -21.71 -14.68 14.92
N ILE A 408 -20.55 -15.34 15.01
CA ILE A 408 -20.09 -15.89 16.28
C ILE A 408 -19.43 -14.79 17.11
N ASN A 409 -18.54 -14.03 16.47
CA ASN A 409 -17.82 -12.94 17.13
C ASN A 409 -18.50 -11.62 16.80
N ASN A 410 -19.82 -11.58 16.96
CA ASN A 410 -20.60 -10.39 16.64
C ASN A 410 -20.28 -9.11 17.42
N MET A 411 -19.71 -9.25 18.62
CA MET A 411 -19.38 -8.07 19.42
C MET A 411 -18.24 -7.26 18.80
N ASN A 412 -17.53 -7.87 17.86
CA ASN A 412 -16.40 -7.19 17.21
C ASN A 412 -16.72 -6.58 15.86
N PHE A 413 -17.97 -6.65 15.44
CA PHE A 413 -18.36 -6.11 14.15
C PHE A 413 -19.71 -5.41 14.15
N THR A 414 -19.78 -4.26 13.49
CA THR A 414 -21.02 -3.53 13.35
C THR A 414 -21.19 -3.31 11.85
N LYS A 415 -22.17 -3.96 11.26
CA LYS A 415 -22.38 -3.80 9.82
C LYS A 415 -22.92 -2.41 9.52
N LEU A 416 -22.18 -1.67 8.70
CA LEU A 416 -22.59 -0.31 8.37
C LEU A 416 -23.40 -0.23 7.09
N LYS A 417 -23.12 -1.13 6.15
CA LYS A 417 -23.81 -1.12 4.88
C LYS A 417 -23.71 -2.46 4.14
N ASN A 418 -24.80 -2.84 3.47
CA ASN A 418 -24.82 -4.07 2.70
C ASN A 418 -24.65 -3.69 1.24
N PHE A 419 -23.84 -4.45 0.51
CA PHE A 419 -23.60 -4.17 -0.89
C PHE A 419 -24.31 -5.16 -1.81
N THR A 420 -24.66 -6.32 -1.27
CA THR A 420 -25.32 -7.34 -2.07
C THR A 420 -26.64 -6.85 -2.64
N GLY A 421 -26.80 -6.97 -3.95
CA GLY A 421 -28.01 -6.53 -4.61
C GLY A 421 -27.89 -5.13 -5.16
N LEU A 422 -26.92 -4.37 -4.68
CA LEU A 422 -26.71 -3.00 -5.13
C LEU A 422 -25.95 -2.93 -6.46
N PHE A 423 -25.31 -4.03 -6.84
CA PHE A 423 -24.55 -4.06 -8.08
C PHE A 423 -25.45 -4.03 -9.30
N CYS B 1 -5.76 -1.56 -4.54
CA CYS B 1 -7.23 -1.30 -4.57
C CYS B 1 -7.98 -2.60 -4.33
N ARG B 2 -9.06 -2.51 -3.55
CA ARG B 2 -9.89 -3.66 -3.21
C ARG B 2 -10.68 -4.24 -4.38
N GLY B 3 -11.12 -3.38 -5.29
CA GLY B 3 -11.90 -3.83 -6.43
C GLY B 3 -13.36 -4.01 -6.08
N CYS B 4 -14.12 -4.66 -6.98
CA CYS B 4 -15.55 -4.89 -6.78
C CYS B 4 -15.81 -5.97 -5.74
N NH2 B 5 -14.91 -6.95 -5.53
ZN ZN C . -5.36 -3.49 -5.30
S SO4 D . 19.48 -15.04 -1.88
O1 SO4 D . 19.94 -13.88 -2.66
O2 SO4 D . 20.57 -15.54 -1.04
O3 SO4 D . 18.34 -14.64 -1.01
O4 SO4 D . 19.03 -16.09 -2.81
S SO4 E . 3.37 7.67 -12.20
O1 SO4 E . 4.40 8.50 -11.55
O2 SO4 E . 2.39 7.21 -11.19
O3 SO4 E . 2.66 8.47 -13.22
O4 SO4 E . 4.00 6.50 -12.86
S SO4 F . 19.44 5.17 5.07
O1 SO4 F . 18.88 6.49 5.39
O2 SO4 F . 18.37 4.14 5.20
O3 SO4 F . 19.96 5.17 3.68
O4 SO4 F . 20.53 4.85 6.00
NA NA G . -8.82 2.07 -5.52
C1 EDO H . -10.33 3.87 -9.16
O1 EDO H . -10.33 2.58 -9.78
C2 EDO H . -10.02 3.74 -7.65
O2 EDO H . -9.77 2.37 -7.32
#